data_4YE1
#
_entry.id   4YE1
#
_cell.length_a   35.850
_cell.length_b   56.070
_cell.length_c   108.040
_cell.angle_alpha   90.000
_cell.angle_beta   90.000
_cell.angle_gamma   90.000
#
_symmetry.space_group_name_H-M   'P 21 21 21'
#
loop_
_entity.id
_entity.type
_entity.pdbx_description
1 polymer 'Cytochrome c iso-1'
2 non-polymer 'HEME C'
3 non-polymer '25,26,27,28-tetrahydroxypentacyclo[19.3.1.1~3,7~.1~9,13~.1~15,19~]octacosa-1(25),3(28),4,6,9(27),10,12,15(26),16,18,21,23-dodecaene-5,11,17,23-tetrasulfonic acid'
4 non-polymer GLYCEROL
5 water water
#
_entity_poly.entity_id   1
_entity_poly.type   'polypeptide(L)'
_entity_poly.pdbx_seq_one_letter_code
;TEFKAGSAKKGATLFKTECLQCHTVEKGGPHKVGPNLHGIFGRHSGQAEGYSYTDANIKKNVLWDENNMSEYLTNPKKYI
PGTKMAFGGLKKEKDRNDLITYLKKACE
;
_entity_poly.pdbx_strand_id   A,B
#
loop_
_chem_comp.id
_chem_comp.type
_chem_comp.name
_chem_comp.formula
GOL non-polymer GLYCEROL 'C3 H8 O3'
HEC non-polymer 'HEME C' 'C34 H34 Fe N4 O4'
T3Y non-polymer '25,26,27,28-tetrahydroxypentacyclo[19.3.1.1~3,7~.1~9,13~.1~15,19~]octacosa-1(25),3(28),4,6,9(27),10,12,15(26),16,18,21,23-dodecaene-5,11,17,23-tetrasulfonic acid' 'C28 H24 O16 S4'
#
# COMPACT_ATOMS: atom_id res chain seq x y z
N THR A 1 0.80 -5.37 -0.19
CA THR A 1 1.72 -6.35 0.48
C THR A 1 1.16 -6.73 1.84
N GLU A 2 1.63 -7.88 2.32
CA GLU A 2 1.18 -8.49 3.56
CA GLU A 2 1.19 -8.47 3.58
C GLU A 2 2.40 -8.81 4.42
N PHE A 3 2.76 -7.89 5.30
CA PHE A 3 3.89 -8.07 6.21
C PHE A 3 3.72 -9.32 7.07
N LYS A 4 4.82 -10.05 7.25
CA LYS A 4 4.92 -11.15 8.21
CA LYS A 4 4.91 -11.15 8.20
C LYS A 4 6.14 -10.93 9.09
N ALA A 5 5.96 -11.04 10.40
CA ALA A 5 7.08 -10.83 11.31
C ALA A 5 8.18 -11.86 11.04
N GLY A 6 9.50 -11.34 10.94
CA GLY A 6 10.68 -12.07 10.56
C GLY A 6 11.73 -11.93 11.64
N SER A 7 12.96 -11.65 11.21
CA SER A 7 14.10 -11.58 12.11
C SER A 7 14.62 -10.15 12.21
N ALA A 8 14.45 -9.54 13.38
CA ALA A 8 15.01 -8.22 13.62
C ALA A 8 16.54 -8.23 13.54
N LYS A 9 17.15 -9.36 13.88
CA LYS A 9 18.63 -9.47 13.81
C LYS A 9 19.10 -9.30 12.37
N LYS A 10 18.48 -10.03 11.44
CA LYS A 10 18.81 -9.84 10.03
C LYS A 10 18.42 -8.42 9.58
N GLY A 11 17.28 -7.95 10.03
CA GLY A 11 16.82 -6.60 9.73
C GLY A 11 17.81 -5.51 10.13
N ALA A 12 18.47 -5.70 11.28
CA ALA A 12 19.43 -4.71 11.76
C ALA A 12 20.63 -4.59 10.80
N THR A 13 21.07 -5.72 10.25
CA THR A 13 22.17 -5.68 9.30
CA THR A 13 22.16 -5.72 9.27
C THR A 13 21.73 -5.01 8.00
N LEU A 14 20.52 -5.31 7.54
CA LEU A 14 19.95 -4.67 6.36
C LEU A 14 19.85 -3.15 6.55
N PHE A 15 19.38 -2.71 7.72
CA PHE A 15 19.27 -1.28 7.98
C PHE A 15 20.64 -0.62 7.90
N LYS A 16 21.64 -1.25 8.51
CA LYS A 16 22.99 -0.71 8.52
C LYS A 16 23.50 -0.49 7.09
N THR A 17 23.34 -1.49 6.22
CA THR A 17 23.91 -1.39 4.88
C THR A 17 23.05 -0.58 3.91
N GLU A 18 21.74 -0.56 4.11
CA GLU A 18 20.82 0.04 3.13
C GLU A 18 20.23 1.39 3.54
N CYS A 19 20.16 1.68 4.83
CA CYS A 19 19.39 2.83 5.33
C CYS A 19 20.16 3.83 6.21
N LEU A 20 21.11 3.32 6.99
CA LEU A 20 21.79 4.12 8.02
C LEU A 20 22.48 5.36 7.46
N GLN A 21 23.02 5.26 6.25
CA GLN A 21 23.66 6.40 5.55
CA GLN A 21 23.72 6.41 5.72
C GLN A 21 22.81 7.65 5.67
N CYS A 22 21.51 7.47 5.47
CA CYS A 22 20.56 8.57 5.40
C CYS A 22 19.62 8.75 6.58
N HIS A 23 19.54 7.77 7.48
CA HIS A 23 18.52 7.79 8.56
C HIS A 23 19.05 7.32 9.90
N THR A 24 18.64 8.02 10.96
CA THR A 24 18.75 7.51 12.32
C THR A 24 17.35 7.05 12.81
N VAL A 25 17.34 6.29 13.91
CA VAL A 25 16.10 5.66 14.42
C VAL A 25 15.74 6.02 15.86
N GLU A 26 16.72 6.47 16.63
CA GLU A 26 16.57 6.69 18.07
CA GLU A 26 16.55 6.68 18.07
C GLU A 26 15.71 7.92 18.40
N LYS A 27 15.05 7.90 19.56
CA LYS A 27 14.31 9.05 20.06
C LYS A 27 15.27 10.23 20.21
N GLY A 28 14.91 11.35 19.60
CA GLY A 28 15.75 12.54 19.64
C GLY A 28 16.94 12.50 18.71
N GLY A 29 17.03 11.47 17.87
CA GLY A 29 18.13 11.34 16.92
C GLY A 29 18.07 12.38 15.81
N PRO A 30 19.19 12.65 15.17
CA PRO A 30 19.24 13.75 14.22
C PRO A 30 18.69 13.36 12.85
N HIS A 31 18.15 14.36 12.18
CA HIS A 31 17.92 14.26 10.75
C HIS A 31 19.28 14.22 10.04
N LYS A 32 19.34 13.53 8.90
CA LYS A 32 20.54 13.49 8.08
C LYS A 32 20.07 13.84 6.65
N VAL A 33 20.50 13.13 5.63
CA VAL A 33 19.89 13.33 4.31
C VAL A 33 18.38 13.06 4.41
N GLY A 34 18.01 11.99 5.14
CA GLY A 34 16.61 11.66 5.41
C GLY A 34 16.21 11.94 6.85
N PRO A 35 14.91 11.94 7.10
CA PRO A 35 14.42 12.24 8.44
C PRO A 35 14.72 11.14 9.47
N ASN A 36 14.88 11.54 10.72
CA ASN A 36 14.88 10.60 11.82
C ASN A 36 13.55 9.84 11.80
N LEU A 37 13.62 8.54 12.07
CA LEU A 37 12.47 7.65 11.95
C LEU A 37 11.79 7.24 13.26
N HIS A 38 12.20 7.81 14.39
CA HIS A 38 11.55 7.46 15.65
C HIS A 38 10.03 7.73 15.56
N GLY A 39 9.22 6.76 15.97
CA GLY A 39 7.77 6.94 16.01
C GLY A 39 7.07 6.89 14.67
N ILE A 40 7.76 6.40 13.64
CA ILE A 40 7.22 6.42 12.28
C ILE A 40 5.93 5.60 12.15
N PHE A 41 5.85 4.46 12.83
CA PHE A 41 4.66 3.61 12.69
C PHE A 41 3.44 4.21 13.38
N GLY A 42 2.39 4.42 12.61
CA GLY A 42 1.15 5.05 13.08
C GLY A 42 1.04 6.51 12.71
N ARG A 43 2.15 7.13 12.32
CA ARG A 43 2.19 8.55 12.00
C ARG A 43 1.88 8.81 10.52
N HIS A 44 1.22 9.94 10.27
CA HIS A 44 1.02 10.45 8.92
C HIS A 44 2.37 10.59 8.21
N SER A 45 2.38 10.25 6.93
CA SER A 45 3.56 10.46 6.09
C SER A 45 4.03 11.92 6.13
N GLY A 46 5.34 12.11 6.11
CA GLY A 46 5.93 13.42 5.96
C GLY A 46 5.72 14.39 7.10
N GLN A 47 5.85 13.87 8.34
CA GLN A 47 5.52 14.64 9.52
C GLN A 47 6.51 14.59 10.69
N ALA A 48 7.71 14.06 10.49
CA ALA A 48 8.73 14.21 11.55
C ALA A 48 9.01 15.70 11.78
N GLU A 49 9.11 16.08 13.06
CA GLU A 49 9.36 17.47 13.45
CA GLU A 49 9.33 17.47 13.40
C GLU A 49 10.72 17.95 12.97
N GLY A 50 10.74 19.12 12.33
CA GLY A 50 11.98 19.80 11.98
C GLY A 50 12.56 19.44 10.62
N TYR A 51 11.96 18.51 9.89
CA TYR A 51 12.50 18.05 8.59
C TYR A 51 11.69 18.60 7.42
N SER A 52 12.37 19.16 6.42
CA SER A 52 11.69 19.65 5.23
CA SER A 52 11.71 19.66 5.23
C SER A 52 11.51 18.53 4.20
N TYR A 53 10.27 18.10 4.04
CA TYR A 53 9.89 17.04 3.12
C TYR A 53 9.47 17.60 1.76
N THR A 54 9.48 16.74 0.75
CA THR A 54 8.75 17.04 -0.48
C THR A 54 7.24 17.10 -0.21
N ASP A 55 6.55 17.87 -1.04
CA ASP A 55 5.11 17.86 -1.04
C ASP A 55 4.56 16.44 -1.28
N ALA A 56 5.25 15.64 -2.09
CA ALA A 56 4.78 14.28 -2.35
C ALA A 56 4.78 13.43 -1.09
N ASN A 57 5.82 13.48 -0.31
CA ASN A 57 5.89 12.69 0.91
C ASN A 57 4.85 13.15 1.95
N ILE A 58 4.64 14.44 2.01
CA ILE A 58 3.61 14.93 2.92
C ILE A 58 2.22 14.49 2.45
N LYS A 59 1.92 14.77 1.19
CA LYS A 59 0.55 14.66 0.69
C LYS A 59 0.19 13.25 0.20
N LYS A 60 1.07 12.29 0.46
CA LYS A 60 0.74 10.89 0.28
C LYS A 60 -0.50 10.52 1.14
N ASN A 61 -0.66 11.18 2.28
CA ASN A 61 -1.87 11.06 3.11
C ASN A 61 -2.24 9.63 3.51
N VAL A 62 -1.22 8.93 3.97
CA VAL A 62 -1.40 7.63 4.63
C VAL A 62 -0.75 7.70 6.01
N LEU A 63 -1.24 6.85 6.92
CA LEU A 63 -0.56 6.56 8.16
C LEU A 63 0.33 5.35 7.94
N TRP A 64 1.59 5.44 8.36
CA TRP A 64 2.51 4.32 8.13
C TRP A 64 2.13 3.09 8.95
N ASP A 65 2.11 1.93 8.30
CA ASP A 65 1.95 0.63 8.94
C ASP A 65 2.93 -0.35 8.29
N GLU A 66 2.95 -1.59 8.76
CA GLU A 66 3.93 -2.55 8.25
C GLU A 66 3.67 -2.92 6.80
N ASN A 67 2.41 -2.88 6.38
CA ASN A 67 2.06 -3.31 5.01
C ASN A 67 2.39 -2.26 3.96
N ASN A 68 1.99 -1.01 4.20
CA ASN A 68 2.39 0.04 3.25
C ASN A 68 3.89 0.36 3.33
N MET A 69 4.50 0.14 4.48
CA MET A 69 5.97 0.23 4.56
C MET A 69 6.64 -0.81 3.65
N SER A 70 6.14 -2.04 3.67
CA SER A 70 6.72 -3.08 2.80
C SER A 70 6.56 -2.69 1.31
N GLU A 71 5.39 -2.18 0.95
CA GLU A 71 5.14 -1.74 -0.42
C GLU A 71 6.09 -0.59 -0.81
N TYR A 72 6.18 0.43 0.05
CA TYR A 72 7.11 1.54 -0.14
C TYR A 72 8.54 1.09 -0.37
N LEU A 73 9.03 0.23 0.52
CA LEU A 73 10.44 -0.13 0.49
C LEU A 73 10.78 -1.06 -0.67
N THR A 74 9.77 -1.64 -1.33
CA THR A 74 9.98 -2.41 -2.56
C THR A 74 10.46 -1.51 -3.70
N ASN A 75 9.87 -0.32 -3.79
CA ASN A 75 10.18 0.63 -4.84
C ASN A 75 9.67 2.01 -4.42
N PRO A 76 10.51 2.78 -3.72
CA PRO A 76 10.03 3.99 -3.08
C PRO A 76 9.34 4.99 -4.01
N LYS A 77 9.93 5.28 -5.16
CA LYS A 77 9.36 6.28 -6.05
CA LYS A 77 9.36 6.28 -6.05
C LYS A 77 8.11 5.77 -6.79
N LYS A 78 7.90 4.47 -6.84
CA LYS A 78 6.64 3.95 -7.41
C LYS A 78 5.48 4.13 -6.43
N TYR A 79 5.75 3.99 -5.12
CA TYR A 79 4.74 4.18 -4.11
C TYR A 79 4.51 5.68 -3.81
N ILE A 80 5.60 6.45 -3.78
CA ILE A 80 5.54 7.90 -3.58
C ILE A 80 6.25 8.58 -4.76
N PRO A 81 5.59 8.63 -5.92
CA PRO A 81 6.14 9.44 -7.00
C PRO A 81 6.31 10.87 -6.50
N GLY A 82 7.41 11.52 -6.87
CA GLY A 82 7.72 12.84 -6.34
C GLY A 82 8.68 12.83 -5.16
N THR A 83 8.97 11.65 -4.63
CA THR A 83 9.91 11.52 -3.51
C THR A 83 11.32 11.98 -3.87
N LYS A 84 12.05 12.41 -2.85
CA LYS A 84 13.49 12.66 -2.99
C LYS A 84 14.35 11.67 -2.19
N MET A 85 13.76 10.52 -1.86
CA MET A 85 14.52 9.40 -1.30
C MET A 85 15.13 8.60 -2.45
N ALA A 86 16.46 8.71 -2.61
CA ALA A 86 17.20 8.04 -3.69
C ALA A 86 17.62 6.64 -3.22
N PHE A 87 16.64 5.77 -3.08
CA PHE A 87 16.86 4.38 -2.74
C PHE A 87 16.01 3.56 -3.71
N GLY A 88 16.63 2.59 -4.38
CA GLY A 88 15.99 1.81 -5.43
C GLY A 88 14.95 0.81 -4.94
N GLY A 89 15.11 0.33 -3.71
CA GLY A 89 14.19 -0.62 -3.10
C GLY A 89 14.80 -1.97 -2.79
N LEU A 90 14.13 -2.70 -1.90
CA LEU A 90 14.45 -4.07 -1.54
C LEU A 90 13.42 -4.96 -2.22
N LYS A 91 13.81 -5.62 -3.30
CA LYS A 91 12.85 -6.41 -4.06
C LYS A 91 12.43 -7.69 -3.35
N LYS A 92 13.30 -8.20 -2.48
CA LYS A 92 13.10 -9.51 -1.84
CA LYS A 92 13.06 -9.50 -1.86
C LYS A 92 12.19 -9.43 -0.61
N GLU A 93 11.15 -10.25 -0.58
CA GLU A 93 10.15 -10.24 0.50
C GLU A 93 10.75 -10.48 1.89
N LYS A 94 11.64 -11.47 2.01
CA LYS A 94 12.23 -11.75 3.33
C LYS A 94 13.05 -10.55 3.83
N ASP A 95 13.75 -9.88 2.93
CA ASP A 95 14.50 -8.68 3.30
C ASP A 95 13.56 -7.62 3.89
N ARG A 96 12.41 -7.41 3.24
CA ARG A 96 11.48 -6.40 3.72
C ARG A 96 10.84 -6.79 5.05
N ASN A 97 10.48 -8.07 5.20
CA ASN A 97 9.92 -8.52 6.47
C ASN A 97 10.93 -8.37 7.60
N ASP A 98 12.17 -8.76 7.35
CA ASP A 98 13.21 -8.67 8.38
C ASP A 98 13.50 -7.21 8.72
N LEU A 99 13.65 -6.35 7.71
CA LEU A 99 13.90 -4.93 7.90
CA LEU A 99 13.92 -4.95 7.95
C LEU A 99 12.79 -4.29 8.74
N ILE A 100 11.55 -4.58 8.38
CA ILE A 100 10.43 -3.97 9.07
C ILE A 100 10.28 -4.49 10.50
N THR A 101 10.62 -5.76 10.73
CA THR A 101 10.62 -6.33 12.07
C THR A 101 11.62 -5.56 12.94
N TYR A 102 12.80 -5.31 12.38
CA TYR A 102 13.79 -4.44 13.04
C TYR A 102 13.25 -3.03 13.25
N LEU A 103 12.66 -2.43 12.23
CA LEU A 103 12.26 -1.02 12.32
CA LEU A 103 12.24 -1.02 12.33
C LEU A 103 11.20 -0.83 13.41
N LYS A 104 10.31 -1.80 13.56
CA LYS A 104 9.27 -1.74 14.58
CA LYS A 104 9.27 -1.73 14.58
C LYS A 104 9.87 -1.62 15.97
N LYS A 105 10.93 -2.39 16.24
CA LYS A 105 11.62 -2.34 17.53
CA LYS A 105 11.59 -2.32 17.54
C LYS A 105 12.46 -1.08 17.66
N ALA A 106 13.24 -0.79 16.62
CA ALA A 106 14.24 0.28 16.70
C ALA A 106 13.67 1.69 16.77
N CYS A 107 12.46 1.88 16.26
CA CYS A 107 11.81 3.20 16.22
CA CYS A 107 11.90 3.24 16.27
C CYS A 107 10.80 3.41 17.32
N GLU A 108 10.65 2.42 18.21
CA GLU A 108 9.72 2.50 19.33
C GLU A 108 10.36 3.31 20.46
N THR B 1 -1.97 0.28 4.49
CA THR B 1 -3.29 -0.02 5.07
C THR B 1 -3.24 -1.30 5.88
N GLU B 2 -4.13 -1.39 6.87
CA GLU B 2 -4.31 -2.59 7.66
C GLU B 2 -5.75 -3.05 7.57
N PHE B 3 -6.05 -3.81 6.52
CA PHE B 3 -7.38 -4.38 6.36
C PHE B 3 -7.71 -5.23 7.59
N LYS B 4 -8.94 -5.09 8.07
CA LYS B 4 -9.46 -5.96 9.14
C LYS B 4 -10.84 -6.42 8.70
N ALA B 5 -11.06 -7.72 8.77
CA ALA B 5 -12.32 -8.30 8.31
C ALA B 5 -13.52 -7.65 9.01
N GLY B 6 -14.65 -7.25 8.05
CA GLY B 6 -15.86 -6.66 8.54
C GLY B 6 -17.05 -7.48 8.11
N SER B 7 -18.14 -6.79 7.83
CA SER B 7 -19.39 -7.44 7.49
C SER B 7 -19.51 -7.62 5.97
N ALA B 8 -19.40 -8.86 5.51
CA ALA B 8 -19.57 -9.16 4.08
C ALA B 8 -20.98 -8.81 3.59
N LYS B 9 -21.99 -9.06 4.42
CA LYS B 9 -23.36 -8.75 4.02
C LYS B 9 -23.60 -7.24 3.86
N LYS B 10 -22.97 -6.42 4.70
CA LYS B 10 -22.96 -4.97 4.49
C LYS B 10 -22.16 -4.61 3.23
N GLY B 11 -21.01 -5.26 3.06
CA GLY B 11 -20.17 -5.05 1.88
C GLY B 11 -20.89 -5.32 0.55
N ALA B 12 -21.77 -6.33 0.53
CA ALA B 12 -22.56 -6.64 -0.66
C ALA B 12 -23.43 -5.45 -1.06
N THR B 13 -24.03 -4.79 -0.07
CA THR B 13 -24.88 -3.64 -0.32
C THR B 13 -24.05 -2.45 -0.83
N LEU B 14 -22.88 -2.24 -0.22
CA LEU B 14 -21.96 -1.20 -0.68
C LEU B 14 -21.54 -1.46 -2.13
N PHE B 15 -21.26 -2.72 -2.46
CA PHE B 15 -20.90 -3.06 -3.83
C PHE B 15 -22.03 -2.73 -4.80
N LYS B 16 -23.26 -3.09 -4.41
CA LYS B 16 -24.45 -2.80 -5.23
CA LYS B 16 -24.43 -2.81 -5.24
C LYS B 16 -24.56 -1.31 -5.54
N THR B 17 -24.43 -0.47 -4.52
CA THR B 17 -24.65 0.96 -4.71
C THR B 17 -23.45 1.68 -5.35
N GLU B 18 -22.24 1.20 -5.07
CA GLU B 18 -21.01 1.93 -5.46
C GLU B 18 -20.25 1.35 -6.65
N CYS B 19 -20.41 0.05 -6.93
CA CYS B 19 -19.53 -0.66 -7.87
C CYS B 19 -20.24 -1.41 -9.00
N LEU B 20 -21.42 -1.96 -8.70
CA LEU B 20 -22.12 -2.87 -9.62
C LEU B 20 -22.42 -2.25 -10.97
N GLN B 21 -22.67 -0.95 -10.99
CA GLN B 21 -22.87 -0.21 -12.24
C GLN B 21 -21.83 -0.62 -13.27
N CYS B 22 -20.57 -0.70 -12.84
CA CYS B 22 -19.45 -0.91 -13.77
C CYS B 22 -18.77 -2.27 -13.70
N HIS B 23 -19.11 -3.08 -12.69
CA HIS B 23 -18.40 -4.33 -12.43
C HIS B 23 -19.31 -5.50 -12.07
N THR B 24 -19.07 -6.65 -12.70
CA THR B 24 -19.59 -7.94 -12.22
C THR B 24 -18.49 -8.69 -11.46
N VAL B 25 -18.88 -9.68 -10.66
CA VAL B 25 -17.94 -10.42 -9.82
C VAL B 25 -17.85 -11.92 -10.08
N GLU B 26 -18.85 -12.50 -10.73
CA GLU B 26 -18.94 -13.95 -10.87
CA GLU B 26 -18.97 -13.95 -10.89
C GLU B 26 -17.99 -14.48 -11.95
N LYS B 27 -17.60 -15.75 -11.81
CA LYS B 27 -16.77 -16.42 -12.80
C LYS B 27 -17.51 -16.41 -14.15
N GLY B 28 -16.84 -15.94 -15.18
CA GLY B 28 -17.43 -15.83 -16.52
C GLY B 28 -18.37 -14.64 -16.69
N GLY B 29 -18.45 -13.76 -15.69
CA GLY B 29 -19.33 -12.60 -15.77
C GLY B 29 -18.84 -11.62 -16.82
N PRO B 30 -19.75 -10.78 -17.36
CA PRO B 30 -19.37 -9.88 -18.44
C PRO B 30 -18.57 -8.68 -17.97
N HIS B 31 -17.69 -8.20 -18.85
CA HIS B 31 -17.14 -6.85 -18.73
C HIS B 31 -18.24 -5.84 -19.03
N LYS B 32 -18.20 -4.71 -18.32
CA LYS B 32 -19.13 -3.60 -18.57
C LYS B 32 -18.26 -2.37 -18.78
N VAL B 33 -18.56 -1.23 -18.17
CA VAL B 33 -17.62 -0.10 -18.25
C VAL B 33 -16.28 -0.53 -17.67
N GLY B 34 -16.32 -1.29 -16.58
CA GLY B 34 -15.12 -1.86 -15.97
C GLY B 34 -15.02 -3.38 -16.14
N PRO B 35 -13.86 -3.95 -15.79
CA PRO B 35 -13.66 -5.39 -15.94
C PRO B 35 -14.43 -6.22 -14.93
N ASN B 36 -14.84 -7.42 -15.35
CA ASN B 36 -15.26 -8.43 -14.42
C ASN B 36 -14.13 -8.67 -13.42
N LEU B 37 -14.49 -8.86 -12.15
CA LEU B 37 -13.50 -8.93 -11.07
C LEU B 37 -13.21 -10.34 -10.55
N HIS B 38 -13.72 -11.37 -11.21
CA HIS B 38 -13.41 -12.73 -10.75
C HIS B 38 -11.90 -12.95 -10.74
N GLY B 39 -11.38 -13.49 -9.63
CA GLY B 39 -9.96 -13.80 -9.51
C GLY B 39 -9.06 -12.60 -9.27
N ILE B 40 -9.62 -11.45 -8.93
CA ILE B 40 -8.83 -10.20 -8.79
C ILE B 40 -7.75 -10.32 -7.69
N PHE B 41 -8.08 -10.93 -6.56
CA PHE B 41 -7.10 -11.03 -5.47
C PHE B 41 -6.04 -12.08 -5.78
N GLY B 42 -4.77 -11.70 -5.58
CA GLY B 42 -3.64 -12.58 -5.87
C GLY B 42 -3.19 -12.56 -7.32
N ARG B 43 -3.74 -11.62 -8.08
CA ARG B 43 -3.38 -11.40 -9.48
C ARG B 43 -2.87 -9.97 -9.62
N HIS B 44 -1.92 -9.77 -10.53
CA HIS B 44 -1.46 -8.42 -10.84
C HIS B 44 -2.54 -7.64 -11.58
N SER B 45 -2.53 -6.33 -11.37
CA SER B 45 -3.47 -5.44 -12.04
C SER B 45 -3.38 -5.56 -13.57
N GLY B 46 -4.49 -5.35 -14.23
CA GLY B 46 -4.54 -5.30 -15.69
C GLY B 46 -4.54 -6.65 -16.39
N GLN B 47 -5.03 -7.69 -15.72
CA GLN B 47 -4.95 -9.06 -16.25
C GLN B 47 -6.27 -9.83 -16.41
N ALA B 48 -7.42 -9.15 -16.32
CA ALA B 48 -8.69 -9.82 -16.67
C ALA B 48 -8.75 -10.00 -18.19
N GLU B 49 -8.91 -11.25 -18.62
CA GLU B 49 -8.92 -11.58 -20.04
C GLU B 49 -10.06 -10.85 -20.73
N GLY B 50 -9.77 -10.24 -21.88
CA GLY B 50 -10.79 -9.62 -22.71
C GLY B 50 -11.03 -8.14 -22.48
N TYR B 51 -10.50 -7.60 -21.39
CA TYR B 51 -10.74 -6.20 -21.06
C TYR B 51 -9.56 -5.32 -21.50
N SER B 52 -9.88 -4.18 -22.11
CA SER B 52 -8.85 -3.23 -22.53
CA SER B 52 -8.85 -3.21 -22.54
C SER B 52 -8.59 -2.19 -21.44
N TYR B 53 -7.46 -2.32 -20.77
CA TYR B 53 -7.09 -1.44 -19.66
C TYR B 53 -6.28 -0.24 -20.12
N THR B 54 -6.19 0.79 -19.29
CA THR B 54 -5.21 1.84 -19.49
C THR B 54 -3.80 1.29 -19.23
N ASP B 55 -2.82 1.92 -19.86
CA ASP B 55 -1.42 1.64 -19.55
CA ASP B 55 -1.41 1.66 -19.56
C ASP B 55 -1.16 1.86 -18.07
N ALA B 56 -1.79 2.87 -17.49
CA ALA B 56 -1.58 3.19 -16.07
C ALA B 56 -1.95 2.02 -15.18
N ASN B 57 -3.11 1.42 -15.42
CA ASN B 57 -3.51 0.30 -14.61
C ASN B 57 -2.57 -0.90 -14.76
N ILE B 58 -2.13 -1.18 -15.98
CA ILE B 58 -1.22 -2.30 -16.20
C ILE B 58 0.14 -2.04 -15.54
N LYS B 59 0.72 -0.87 -15.81
CA LYS B 59 2.06 -0.55 -15.32
C LYS B 59 2.16 -0.41 -13.80
N LYS B 60 1.03 -0.09 -13.15
CA LYS B 60 0.99 -0.09 -11.68
C LYS B 60 1.51 -1.43 -11.17
N ASN B 61 1.16 -2.48 -11.86
CA ASN B 61 1.61 -3.86 -11.61
C ASN B 61 1.43 -4.25 -10.14
N VAL B 62 0.30 -3.88 -9.57
CA VAL B 62 0.05 -4.18 -8.16
C VAL B 62 -0.51 -5.59 -8.04
N LEU B 63 0.08 -6.39 -7.17
CA LEU B 63 -0.44 -7.71 -6.85
C LEU B 63 -1.53 -7.53 -5.80
N TRP B 64 -2.79 -7.54 -6.25
CA TRP B 64 -3.89 -7.14 -5.39
C TRP B 64 -4.03 -8.02 -4.15
N ASP B 65 -4.10 -7.36 -3.00
CA ASP B 65 -4.40 -8.00 -1.72
C ASP B 65 -5.34 -7.07 -0.95
N GLU B 66 -5.77 -7.50 0.24
CA GLU B 66 -6.78 -6.75 0.99
C GLU B 66 -6.27 -5.39 1.45
N ASN B 67 -4.96 -5.27 1.65
CA ASN B 67 -4.37 -4.02 2.13
C ASN B 67 -4.22 -2.99 1.03
N ASN B 68 -3.56 -3.34 -0.06
CA ASN B 68 -3.43 -2.38 -1.16
C ASN B 68 -4.79 -2.07 -1.82
N MET B 69 -5.72 -3.02 -1.79
CA MET B 69 -7.08 -2.70 -2.23
C MET B 69 -7.73 -1.61 -1.37
N SER B 70 -7.47 -1.65 -0.07
CA SER B 70 -8.03 -0.63 0.81
C SER B 70 -7.45 0.75 0.49
N GLU B 71 -6.14 0.84 0.25
CA GLU B 71 -5.57 2.13 -0.17
C GLU B 71 -6.18 2.59 -1.51
N TYR B 72 -6.22 1.69 -2.48
CA TYR B 72 -6.82 2.01 -3.79
C TYR B 72 -8.23 2.60 -3.66
N LEU B 73 -9.06 1.89 -2.91
CA LEU B 73 -10.48 2.27 -2.83
C LEU B 73 -10.71 3.55 -2.03
N THR B 74 -9.72 3.97 -1.23
CA THR B 74 -9.78 5.28 -0.58
C THR B 74 -9.80 6.42 -1.60
N ASN B 75 -9.02 6.27 -2.67
CA ASN B 75 -8.89 7.29 -3.70
C ASN B 75 -8.22 6.67 -4.90
N PRO B 76 -9.02 6.09 -5.81
CA PRO B 76 -8.44 5.31 -6.89
C PRO B 76 -7.44 6.04 -7.77
N LYS B 77 -7.75 7.27 -8.16
CA LYS B 77 -6.89 7.98 -9.09
CA LYS B 77 -6.86 8.05 -9.03
C LYS B 77 -5.60 8.53 -8.42
N LYS B 78 -5.60 8.69 -7.11
CA LYS B 78 -4.38 9.06 -6.39
CA LYS B 78 -4.38 9.05 -6.40
C LYS B 78 -3.42 7.85 -6.36
N TYR B 79 -3.95 6.64 -6.22
CA TYR B 79 -3.12 5.41 -6.21
C TYR B 79 -2.67 5.03 -7.62
N ILE B 80 -3.55 5.20 -8.60
CA ILE B 80 -3.23 4.91 -10.01
C ILE B 80 -3.56 6.13 -10.87
N PRO B 81 -2.68 7.14 -10.86
CA PRO B 81 -2.91 8.30 -11.72
C PRO B 81 -3.07 7.89 -13.17
N GLY B 82 -4.05 8.46 -13.84
CA GLY B 82 -4.35 8.12 -15.22
C GLY B 82 -5.37 7.01 -15.38
N THR B 83 -5.76 6.33 -14.30
CA THR B 83 -6.77 5.28 -14.44
C THR B 83 -8.06 5.88 -15.00
N LYS B 84 -8.79 5.07 -15.79
CA LYS B 84 -10.06 5.53 -16.35
C LYS B 84 -11.26 5.10 -15.48
N MET B 85 -11.00 4.52 -14.31
CA MET B 85 -12.06 4.24 -13.32
C MET B 85 -12.54 5.54 -12.69
N ALA B 86 -13.79 5.90 -12.94
CA ALA B 86 -14.38 7.12 -12.37
C ALA B 86 -15.13 6.78 -11.09
N PHE B 87 -14.41 6.79 -9.98
CA PHE B 87 -14.98 6.59 -8.65
C PHE B 87 -14.16 7.40 -7.65
N GLY B 88 -14.82 8.27 -6.88
CA GLY B 88 -14.11 9.19 -5.99
C GLY B 88 -13.39 8.54 -4.82
N GLY B 89 -13.95 7.43 -4.34
CA GLY B 89 -13.39 6.66 -3.23
C GLY B 89 -14.33 6.53 -2.06
N LEU B 90 -14.01 5.58 -1.19
CA LEU B 90 -14.70 5.36 0.08
C LEU B 90 -13.84 5.92 1.21
N LYS B 91 -14.30 7.01 1.79
CA LYS B 91 -13.57 7.72 2.85
C LYS B 91 -13.56 6.96 4.17
N LYS B 92 -14.59 6.17 4.43
CA LYS B 92 -14.71 5.48 5.72
C LYS B 92 -14.04 4.11 5.67
N GLU B 93 -13.08 3.87 6.56
CA GLU B 93 -12.38 2.59 6.58
C GLU B 93 -13.33 1.42 6.82
N LYS B 94 -14.35 1.62 7.66
CA LYS B 94 -15.31 0.54 7.90
C LYS B 94 -16.01 0.11 6.61
N ASP B 95 -16.32 1.07 5.73
CA ASP B 95 -16.92 0.75 4.44
C ASP B 95 -15.96 -0.06 3.56
N ARG B 96 -14.69 0.32 3.57
CA ARG B 96 -13.67 -0.41 2.82
C ARG B 96 -13.49 -1.83 3.34
N ASN B 97 -13.42 -1.98 4.66
CA ASN B 97 -13.30 -3.30 5.27
C ASN B 97 -14.50 -4.19 4.92
N ASP B 98 -15.71 -3.66 5.09
CA ASP B 98 -16.92 -4.41 4.74
C ASP B 98 -16.93 -4.84 3.27
N LEU B 99 -16.67 -3.87 2.39
N LEU B 99 -16.67 -3.87 2.38
CA LEU B 99 -16.68 -4.11 0.95
CA LEU B 99 -16.69 -4.16 0.94
C LEU B 99 -15.62 -5.14 0.52
C LEU B 99 -15.62 -5.17 0.53
N ILE B 100 -14.41 -5.01 1.06
CA ILE B 100 -13.32 -5.93 0.74
C ILE B 100 -13.59 -7.33 1.27
N THR B 101 -14.21 -7.44 2.45
CA THR B 101 -14.62 -8.75 2.98
C THR B 101 -15.57 -9.43 2.00
N TYR B 102 -16.59 -8.70 1.56
CA TYR B 102 -17.50 -9.18 0.51
C TYR B 102 -16.76 -9.59 -0.75
N LEU B 103 -15.88 -8.72 -1.24
CA LEU B 103 -15.26 -8.90 -2.54
C LEU B 103 -14.34 -10.10 -2.57
N LYS B 104 -13.60 -10.32 -1.48
CA LYS B 104 -12.69 -11.46 -1.36
C LYS B 104 -13.45 -12.78 -1.56
N LYS B 105 -14.62 -12.92 -0.95
CA LYS B 105 -15.40 -14.15 -1.09
C LYS B 105 -16.12 -14.22 -2.43
N ALA B 106 -16.66 -13.10 -2.88
CA ALA B 106 -17.45 -13.06 -4.11
C ALA B 106 -16.64 -13.33 -5.39
N CYS B 107 -15.32 -13.12 -5.35
CA CYS B 107 -14.43 -13.24 -6.51
CA CYS B 107 -14.53 -13.31 -6.57
C CYS B 107 -13.52 -14.47 -6.49
N GLU B 108 -13.60 -15.28 -5.44
CA GLU B 108 -12.66 -16.40 -5.28
C GLU B 108 -12.87 -17.52 -6.32
FE HEC C . 14.53 6.93 3.41
CHA HEC C . 11.98 9.19 3.52
CHB HEC C . 12.75 4.74 5.32
CHC HEC C . 16.86 4.48 2.70
CHD HEC C . 16.62 9.28 2.13
NA HEC C . 12.73 6.96 4.25
C1A HEC C . 11.79 7.97 4.14
C2A HEC C . 10.60 7.58 4.83
C3A HEC C . 10.82 6.32 5.34
C4A HEC C . 12.15 5.95 5.00
CMA HEC C . 9.83 5.49 6.13
CAA HEC C . 9.32 8.37 4.97
CBA HEC C . 9.42 9.16 6.29
CGA HEC C . 8.14 9.89 6.67
O1A HEC C . 8.15 10.61 7.71
O2A HEC C . 7.10 9.83 5.98
NB HEC C . 14.75 4.93 3.92
C1B HEC C . 13.94 4.28 4.75
C2B HEC C . 14.43 2.94 4.90
C3B HEC C . 15.58 2.84 4.16
C4B HEC C . 15.76 4.15 3.51
CMB HEC C . 13.79 1.86 5.75
CAB HEC C . 16.41 1.68 3.80
CBB HEC C . 15.78 0.52 3.46
NC HEC C . 16.40 6.88 2.56
C1C HEC C . 17.17 5.77 2.32
C2C HEC C . 18.37 6.18 1.73
C3C HEC C . 18.33 7.56 1.60
C4C HEC C . 17.07 7.99 2.12
CMC HEC C . 19.51 5.28 1.33
CAC HEC C . 19.29 8.52 0.96
CBC HEC C . 20.19 8.19 0.02
ND HEC C . 14.35 8.80 2.94
C1D HEC C . 15.30 9.62 2.46
C2D HEC C . 14.79 10.97 2.21
C3D HEC C . 13.49 10.96 2.58
C4D HEC C . 13.24 9.58 3.05
CMD HEC C . 15.54 12.15 1.63
CAD HEC C . 12.51 12.12 2.47
CBD HEC C . 11.98 12.07 1.02
CGD HEC C . 10.98 13.15 0.64
O1D HEC C . 10.78 14.16 1.36
O2D HEC C . 10.37 13.00 -0.44
O3 T3Y D . 10.12 -13.91 7.05
S1 T3Y D . 9.60 -14.56 5.84
O1 T3Y D . 9.65 -13.61 4.71
O2 T3Y D . 8.21 -14.98 6.07
C1 T3Y D . 10.57 -15.98 5.45
C24 T3Y D . 11.05 -16.79 6.49
C23 T3Y D . 11.83 -17.93 6.18
C22 T3Y D . 12.32 -18.85 7.33
C2 T3Y D . 10.82 -16.31 4.12
C3 T3Y D . 11.57 -17.45 3.81
C25 T3Y D . 12.06 -18.27 4.84
O13 T3Y D . 12.78 -19.38 4.54
C4 T3Y D . 11.85 -17.81 2.35
C5 T3Y D . 13.12 -17.13 1.85
C6 T3Y D . 13.04 -15.93 1.14
C7 T3Y D . 14.21 -15.32 0.68
S2 T3Y D . 14.10 -13.80 -0.22
O4 T3Y D . 14.42 -14.06 -1.63
O5 T3Y D . 15.06 -12.85 0.35
O6 T3Y D . 12.73 -13.26 -0.10
C8 T3Y D . 15.46 -15.88 0.94
C28 T3Y D . 14.37 -17.71 2.11
O16 T3Y D . 14.45 -18.88 2.79
C9 T3Y D . 15.55 -17.07 1.67
C10 T3Y D . 16.94 -17.72 1.92
C11 T3Y D . 17.38 -17.55 3.37
C12 T3Y D . 18.04 -16.38 3.77
C13 T3Y D . 18.47 -16.24 5.09
S3 T3Y D . 19.28 -14.76 5.61
O7 T3Y D . 19.96 -14.14 4.46
O8 T3Y D . 20.28 -15.09 6.65
O9 T3Y D . 18.28 -13.84 6.16
C14 T3Y D . 18.26 -17.25 6.01
C27 T3Y D . 17.17 -18.57 4.30
O15 T3Y D . 16.58 -19.74 3.92
C15 T3Y D . 17.64 -18.44 5.61
C16 T3Y D . 17.30 -19.48 6.65
C17 T3Y D . 16.15 -18.92 7.45
C18 T3Y D . 16.41 -17.99 8.45
C26 T3Y D . 14.83 -19.17 7.05
O14 T3Y D . 14.58 -20.05 6.03
C21 T3Y D . 13.77 -18.53 7.71
C20 T3Y D . 14.04 -17.65 8.76
C19 T3Y D . 15.37 -17.39 9.13
S4 T3Y D . 15.72 -16.23 10.40
O11 T3Y D . 14.62 -16.21 11.37
O10 T3Y D . 16.98 -16.60 11.08
O12 T3Y D . 15.87 -14.89 9.78
FE HEC E . -13.64 -0.11 -10.79
CHA HEC E . -10.77 -0.97 -12.45
CHB HEC E . -12.78 -2.17 -8.19
CHC HEC E . -16.22 1.23 -8.93
CHD HEC E . -14.83 1.44 -13.59
NA HEC E . -12.11 -1.35 -10.40
C1A HEC E . -10.98 -1.52 -11.20
C2A HEC E . -10.08 -2.41 -10.53
C3A HEC E . -10.65 -2.75 -9.34
C4A HEC E . -11.91 -2.09 -9.26
CMA HEC E . -10.07 -3.66 -8.31
CAA HEC E . -8.74 -2.89 -11.04
CBA HEC E . -8.97 -4.16 -11.89
CGA HEC E . -7.69 -4.84 -12.33
O1A HEC E . -7.79 -5.89 -13.02
O2A HEC E . -6.58 -4.37 -12.03
NB HEC E . -14.37 -0.41 -8.87
C1B HEC E . -13.90 -1.33 -8.02
C2B HEC E . -14.67 -1.27 -6.82
C3B HEC E . -15.64 -0.32 -7.01
C4B HEC E . -15.41 0.24 -8.36
CMB HEC E . -14.45 -2.14 -5.61
CAB HEC E . -16.60 0.27 -6.05
CBB HEC E . -16.19 0.48 -4.78
NC HEC E . -15.25 1.12 -11.17
C1C HEC E . -16.16 1.59 -10.28
C2C HEC E . -17.08 2.41 -10.96
C3C HEC E . -16.71 2.46 -12.30
C4C HEC E . -15.53 1.64 -12.42
CMC HEC E . -18.26 3.11 -10.32
CAC HEC E . -17.30 3.23 -13.42
CBC HEC E . -18.11 4.27 -13.30
ND HEC E . -12.97 0.15 -12.59
C1D HEC E . -13.58 0.80 -13.60
C2D HEC E . -12.76 0.84 -14.81
C3D HEC E . -11.63 0.16 -14.52
C4D HEC E . -11.77 -0.25 -13.10
CMD HEC E . -13.12 1.47 -16.13
CAD HEC E . -10.43 -0.04 -15.44
CBD HEC E . -9.42 1.10 -15.11
CGD HEC E . -8.25 1.29 -16.06
O1D HEC E . -8.03 0.51 -17.01
O2D HEC E . -7.50 2.29 -15.86
O3 T3Y F . -27.41 -9.21 12.92
S1 T3Y F . -26.77 -10.51 13.18
O1 T3Y F . -27.50 -11.18 14.28
O2 T3Y F . -25.37 -10.33 13.56
C1 T3Y F . -26.86 -11.51 11.74
C24 T3Y F . -25.83 -12.40 11.44
C23 T3Y F . -25.91 -13.23 10.32
C22 T3Y F . -24.79 -14.23 10.01
C2 T3Y F . -27.99 -11.45 10.92
C3 T3Y F . -28.08 -12.27 9.78
C25 T3Y F . -27.06 -13.17 9.50
O13 T3Y F . -27.15 -13.97 8.42
C4 T3Y F . -29.31 -12.21 8.89
C5 T3Y F . -28.98 -11.55 7.55
C6 T3Y F . -28.89 -10.17 7.48
C7 T3Y F . -28.59 -9.55 6.28
S2 T3Y F . -28.50 -7.80 6.22
O4 T3Y F . -29.85 -7.25 6.11
O5 T3Y F . -27.67 -7.39 5.07
O6 T3Y F . -27.88 -7.33 7.47
C8 T3Y F . -28.39 -10.31 5.11
C28 T3Y F . -28.80 -12.32 6.40
O16 T3Y F . -28.91 -13.67 6.47
C9 T3Y F . -28.48 -11.71 5.18
C10 T3Y F . -28.29 -12.56 3.92
C11 T3Y F . -26.80 -12.76 3.63
C12 T3Y F . -26.22 -12.14 2.52
C13 T3Y F . -24.86 -12.31 2.25
S3 T3Y F . -24.13 -11.57 0.83
O7 T3Y F . -22.79 -11.09 1.16
O8 T3Y F . -24.97 -10.44 0.37
O9 T3Y F . -24.05 -12.58 -0.25
C14 T3Y F . -24.08 -13.13 3.06
C27 T3Y F . -26.01 -13.60 4.44
O15 T3Y F . -26.59 -14.24 5.49
C15 T3Y F . -24.65 -13.75 4.18
C16 T3Y F . -23.80 -14.66 5.04
C17 T3Y F . -23.51 -14.02 6.41
C18 T3Y F . -22.44 -13.13 6.55
C26 T3Y F . -24.24 -14.39 7.53
O14 T3Y F . -25.27 -15.26 7.39
C21 T3Y F . -23.98 -13.81 8.78
C20 T3Y F . -22.92 -12.92 8.92
C19 T3Y F . -22.15 -12.57 7.80
S4 T3Y F . -20.85 -11.41 7.99
O11 T3Y F . -19.90 -11.51 6.85
O10 T3Y F . -21.42 -10.05 8.01
O12 T3Y F . -20.15 -11.66 9.24
O3 T3Y G . -27.27 1.61 7.83
S1 T3Y G . -26.22 2.55 8.26
O1 T3Y G . -26.46 3.88 7.64
O2 T3Y G . -24.90 2.05 7.83
C1 T3Y G . -26.25 2.71 10.02
C24 T3Y G . -25.73 3.85 10.62
C23 T3Y G . -25.76 3.99 12.00
C22 T3Y G . -25.14 5.20 12.64
C2 T3Y G . -26.76 1.68 10.80
C3 T3Y G . -26.79 1.81 12.20
C25 T3Y G . -26.26 2.96 12.79
O13 T3Y G . -26.27 3.08 14.16
C4 T3Y G . -27.33 0.69 13.05
C5 T3Y G . -26.29 -0.41 13.12
C6 T3Y G . -26.42 -1.53 12.30
C7 T3Y G . -25.46 -2.54 12.35
S2 T3Y G . -25.64 -3.95 11.31
O4 T3Y G . -27.02 -4.00 10.80
O5 T3Y G . -25.35 -5.16 12.10
O6 T3Y G . -24.69 -3.85 10.18
C8 T3Y G . -24.38 -2.44 13.23
C28 T3Y G . -25.20 -0.31 14.00
O16 T3Y G . -25.08 0.78 14.80
C9 T3Y G . -24.22 -1.30 14.02
C10 T3Y G . -23.06 -1.22 15.01
C11 T3Y G . -21.90 -0.37 14.47
C12 T3Y G . -20.81 -0.99 13.87
C13 T3Y G . -19.72 -0.21 13.43
S3 T3Y G . -18.34 -0.99 12.65
O7 T3Y G . -18.77 -1.62 11.38
O8 T3Y G . -17.79 -2.03 13.56
O9 T3Y G . -17.29 0.01 12.37
C14 T3Y G . -19.73 1.18 13.61
C27 T3Y G . -21.90 1.02 14.69
O15 T3Y G . -22.95 1.62 15.30
C15 T3Y G . -20.83 1.80 14.22
C16 T3Y G . -20.81 3.32 14.46
C17 T3Y G . -21.59 4.08 13.37
C18 T3Y G . -20.90 4.63 12.28
C26 T3Y G . -22.96 4.30 13.52
O14 T3Y G . -23.62 3.78 14.59
C21 T3Y G . -23.64 5.04 12.56
C20 T3Y G . -22.97 5.53 11.45
C19 T3Y G . -21.60 5.34 11.32
S4 T3Y G . -20.76 6.01 9.93
O11 T3Y G . -20.87 5.06 8.79
O10 T3Y G . -21.38 7.30 9.55
O12 T3Y G . -19.33 6.21 10.27
C1 GOL H . 3.40 0.91 -5.57
O1 GOL H . 2.11 1.39 -5.16
C2 GOL H . 3.33 -0.22 -6.60
O2 GOL H . 2.68 0.20 -7.81
C3 GOL H . 2.63 -1.44 -6.04
O3 GOL H . 2.78 -2.57 -6.92
#